data_5VA0
#
_entry.id   5VA0
#
_cell.length_a   39.442
_cell.length_b   96.280
_cell.length_c   105.223
_cell.angle_alpha   90.000
_cell.angle_beta   90.000
_cell.angle_gamma   90.000
#
_symmetry.space_group_name_H-M   'P 21 21 21'
#
loop_
_entity.id
_entity.type
_entity.pdbx_description
1 polymer 'Glucocorticoid receptor'
2 polymer "DNA (5'-D(*CP*GP*GP*CP*TP*GP*AP*CP*TP*CP*AP*TP*CP*AP*AP*G)-3')"
3 polymer "DNA (5'-D(*CP*TP*TP*GP*AP*TP*GP*AP*GP*TP*CP*AP*GP*CP*CP*G)-3')"
4 non-polymer 'ZINC ION'
5 water water
#
loop_
_entity_poly.entity_id
_entity_poly.type
_entity_poly.pdbx_seq_one_letter_code
_entity_poly.pdbx_strand_id
1 'polypeptide(L)' KLCLVCSDEASGCHYGVLTCGSCKVFFKRAVEGQHNYLCAGRNDCIIDKIRRKNCPACRYRKCLQAGMNLEA A,B
2 'polydeoxyribonucleotide' (DC)(DG)(DG)(DC)(DT)(DG)(DA)(DC)(DT)(DC)(DA)(DT)(DC)(DA)(DA)(DG) C
3 'polydeoxyribonucleotide' (DC)(DT)(DT)(DG)(DA)(DT)(DG)(DA)(DG)(DT)(DC)(DA)(DG)(DC)(DC)(DG) D
#
loop_
_chem_comp.id
_chem_comp.type
_chem_comp.name
_chem_comp.formula
DA DNA linking 2'-DEOXYADENOSINE-5'-MONOPHOSPHATE 'C10 H14 N5 O6 P'
DC DNA linking 2'-DEOXYCYTIDINE-5'-MONOPHOSPHATE 'C9 H14 N3 O7 P'
DG DNA linking 2'-DEOXYGUANOSINE-5'-MONOPHOSPHATE 'C10 H14 N5 O7 P'
DT DNA linking THYMIDINE-5'-MONOPHOSPHATE 'C10 H15 N2 O8 P'
ZN non-polymer 'ZINC ION' 'Zn 2'
#
# COMPACT_ATOMS: atom_id res chain seq x y z
N LYS A 1 22.31 5.84 4.65
CA LYS A 1 21.04 5.73 3.92
C LYS A 1 21.07 4.51 3.01
N LEU A 2 21.88 3.52 3.36
CA LEU A 2 22.15 2.41 2.46
C LEU A 2 21.52 1.13 2.98
N CYS A 3 20.96 0.33 2.07
CA CYS A 3 20.47 -0.99 2.42
C CYS A 3 21.56 -1.79 3.13
N LEU A 4 21.22 -2.28 4.32
CA LEU A 4 22.17 -3.04 5.13
C LEU A 4 22.44 -4.41 4.56
N VAL A 5 21.72 -4.84 3.54
CA VAL A 5 21.93 -6.16 2.95
C VAL A 5 22.79 -6.08 1.69
N CYS A 6 22.52 -5.10 0.81
CA CYS A 6 23.19 -5.06 -0.49
C CYS A 6 23.84 -3.72 -0.81
N SER A 7 23.69 -2.70 0.05
CA SER A 7 24.27 -1.36 -0.06
C SER A 7 23.67 -0.52 -1.19
N ASP A 8 22.61 -0.99 -1.84
CA ASP A 8 21.77 -0.12 -2.66
C ASP A 8 21.15 0.98 -1.79
N GLU A 9 20.62 2.00 -2.44
CA GLU A 9 19.97 3.05 -1.66
C GLU A 9 18.78 2.48 -0.91
N ALA A 10 18.78 2.63 0.40
CA ALA A 10 17.65 2.16 1.20
C ALA A 10 16.41 3.00 0.92
N SER A 11 15.25 2.36 0.97
CA SER A 11 13.99 3.05 0.84
C SER A 11 13.26 3.22 2.16
N GLY A 12 13.68 2.53 3.21
CA GLY A 12 12.97 2.63 4.47
C GLY A 12 13.35 1.48 5.37
N CYS A 13 12.71 1.46 6.53
CA CYS A 13 12.92 0.41 7.50
C CYS A 13 11.87 -0.67 7.24
N HIS A 14 12.31 -1.85 6.84
CA HIS A 14 11.43 -2.95 6.45
C HIS A 14 11.77 -4.17 7.27
N TYR A 15 10.73 -4.85 7.78
CA TYR A 15 10.91 -6.02 8.64
C TYR A 15 12.02 -5.79 9.65
N GLY A 16 12.09 -4.56 10.19
CA GLY A 16 12.96 -4.19 11.28
C GLY A 16 14.30 -3.61 10.89
N VAL A 17 14.60 -3.51 9.60
CA VAL A 17 15.95 -3.23 9.13
C VAL A 17 15.90 -2.23 7.97
N LEU A 18 16.84 -1.30 7.94
CA LEU A 18 17.06 -0.44 6.80
C LEU A 18 17.46 -1.23 5.55
N THR A 19 16.57 -1.31 4.56
CA THR A 19 16.81 -2.06 3.34
C THR A 19 16.22 -1.31 2.16
N CYS A 20 16.65 -1.73 0.98
CA CYS A 20 16.06 -1.31 -0.28
C CYS A 20 14.77 -2.09 -0.53
N GLY A 21 14.02 -1.65 -1.54
CA GLY A 21 12.76 -2.31 -1.84
C GLY A 21 12.95 -3.72 -2.35
N SER A 22 13.96 -3.95 -3.19
CA SER A 22 14.18 -5.29 -3.73
C SER A 22 14.51 -6.27 -2.61
N CYS A 23 15.33 -5.84 -1.64
CA CYS A 23 15.63 -6.72 -0.51
C CYS A 23 14.42 -6.91 0.41
N LYS A 24 13.58 -5.88 0.55
CA LYS A 24 12.35 -6.04 1.32
C LYS A 24 11.51 -7.21 0.82
N VAL A 25 11.23 -7.24 -0.48
CA VAL A 25 10.35 -8.27 -1.00
C VAL A 25 11.10 -9.59 -1.19
N PHE A 26 12.42 -9.54 -1.41
CA PHE A 26 13.19 -10.77 -1.40
C PHE A 26 13.02 -11.51 -0.07
N PHE A 27 13.18 -10.80 1.04
CA PHE A 27 13.12 -11.46 2.33
C PHE A 27 11.75 -12.06 2.58
N LYS A 28 10.69 -11.33 2.25
CA LYS A 28 9.33 -11.84 2.46
C LYS A 28 9.10 -13.13 1.66
N ARG A 29 9.51 -13.15 0.40
CA ARG A 29 9.40 -14.37 -0.40
C ARG A 29 10.18 -15.52 0.22
N ALA A 30 11.44 -15.26 0.60
CA ALA A 30 12.31 -16.33 1.10
C ALA A 30 11.86 -16.87 2.44
N VAL A 31 11.29 -16.00 3.30
CA VAL A 31 10.91 -16.45 4.64
C VAL A 31 9.63 -17.28 4.61
N GLU A 32 8.79 -17.11 3.60
CA GLU A 32 7.53 -17.85 3.52
C GLU A 32 7.70 -19.17 2.76
N GLY A 33 8.17 -19.09 1.51
CA GLY A 33 8.22 -20.25 0.65
C GLY A 33 9.22 -21.32 1.05
N GLN A 34 9.62 -22.16 0.09
CA GLN A 34 10.67 -23.13 0.33
C GLN A 34 11.91 -22.44 0.89
N HIS A 35 12.77 -23.23 1.50
CA HIS A 35 13.90 -22.72 2.24
C HIS A 35 15.25 -22.96 1.57
N ASN A 36 15.39 -24.06 0.82
CA ASN A 36 16.70 -24.68 0.58
C ASN A 36 17.39 -24.06 -0.62
N TYR A 37 17.98 -22.89 -0.36
CA TYR A 37 18.92 -22.27 -1.27
C TYR A 37 20.29 -22.88 -1.05
N LEU A 38 21.06 -22.99 -2.12
CA LEU A 38 22.40 -23.54 -2.01
C LEU A 38 23.41 -22.52 -2.53
N CYS A 39 24.50 -22.35 -1.80
CA CYS A 39 25.60 -21.48 -2.21
C CYS A 39 26.57 -22.28 -3.08
N ALA A 40 26.97 -21.71 -4.19
CA ALA A 40 27.94 -22.35 -5.06
C ALA A 40 29.38 -21.99 -4.71
N GLY A 41 29.58 -21.04 -3.79
CA GLY A 41 30.90 -20.56 -3.41
C GLY A 41 31.19 -21.08 -2.03
N ARG A 42 31.62 -20.22 -1.13
CA ARG A 42 31.93 -20.61 0.25
C ARG A 42 31.08 -19.88 1.28
N ASN A 43 29.84 -19.55 0.95
CA ASN A 43 28.91 -18.92 1.90
C ASN A 43 29.37 -17.54 2.35
N ASP A 44 30.09 -16.84 1.50
CA ASP A 44 30.51 -15.46 1.75
C ASP A 44 30.47 -14.66 0.45
N CYS A 45 29.46 -14.91 -0.37
CA CYS A 45 29.39 -14.24 -1.65
C CYS A 45 29.21 -12.75 -1.42
N ILE A 46 29.72 -11.94 -2.34
CA ILE A 46 29.51 -10.51 -2.27
C ILE A 46 28.10 -10.20 -2.76
N ILE A 47 27.33 -9.51 -1.93
CA ILE A 47 25.95 -9.20 -2.25
C ILE A 47 25.86 -7.69 -2.40
N ASP A 48 25.74 -7.21 -3.64
CA ASP A 48 25.58 -5.79 -3.91
C ASP A 48 24.57 -5.65 -5.04
N LYS A 49 24.34 -4.41 -5.48
CA LYS A 49 23.32 -4.15 -6.49
C LYS A 49 23.49 -5.07 -7.69
N ILE A 50 24.73 -5.26 -8.16
CA ILE A 50 24.92 -6.05 -9.37
C ILE A 50 25.01 -7.56 -9.15
N ARG A 51 25.32 -8.02 -7.94
CA ARG A 51 25.53 -9.46 -7.74
C ARG A 51 24.46 -10.13 -6.89
N ARG A 52 23.54 -9.37 -6.29
CA ARG A 52 22.60 -9.94 -5.33
C ARG A 52 21.72 -11.03 -5.92
N LYS A 53 21.52 -11.07 -7.24
CA LYS A 53 20.76 -12.17 -7.83
C LYS A 53 21.56 -13.46 -7.91
N ASN A 54 22.88 -13.38 -7.77
CA ASN A 54 23.67 -14.59 -7.97
C ASN A 54 23.43 -15.60 -6.85
N CYS A 55 23.38 -15.15 -5.60
CA CYS A 55 23.31 -16.10 -4.48
C CYS A 55 22.20 -15.77 -3.50
N PRO A 56 21.00 -16.29 -3.72
CA PRO A 56 19.95 -16.16 -2.71
C PRO A 56 20.38 -16.68 -1.35
N ALA A 57 21.14 -17.78 -1.31
CA ALA A 57 21.59 -18.30 -0.02
C ALA A 57 22.29 -17.23 0.78
N CYS A 58 23.32 -16.61 0.20
CA CYS A 58 24.08 -15.60 0.91
C CYS A 58 23.25 -14.34 1.13
N ARG A 59 22.39 -13.99 0.17
CA ARG A 59 21.57 -12.80 0.37
C ARG A 59 20.60 -13.03 1.53
N TYR A 60 20.08 -14.25 1.65
CA TYR A 60 19.15 -14.53 2.74
C TYR A 60 19.86 -14.54 4.07
N ARG A 61 21.05 -15.16 4.10
CA ARG A 61 21.87 -15.12 5.31
C ARG A 61 22.11 -13.69 5.76
N LYS A 62 22.46 -12.80 4.83
CA LYS A 62 22.71 -11.42 5.26
C LYS A 62 21.43 -10.78 5.80
N CYS A 63 20.26 -11.08 5.22
CA CYS A 63 19.02 -10.56 5.78
C CYS A 63 18.86 -10.99 7.23
N LEU A 64 19.09 -12.26 7.52
CA LEU A 64 18.94 -12.74 8.89
C LEU A 64 19.95 -12.06 9.80
N GLN A 65 21.21 -12.01 9.37
CA GLN A 65 22.27 -11.44 10.20
C GLN A 65 22.01 -9.99 10.52
N ALA A 66 21.43 -9.24 9.59
CA ALA A 66 21.06 -7.86 9.85
C ALA A 66 19.83 -7.73 10.74
N GLY A 67 19.10 -8.82 10.97
CA GLY A 67 18.02 -8.84 11.94
C GLY A 67 16.60 -8.81 11.38
N MET A 68 16.42 -9.08 10.10
CA MET A 68 15.08 -9.01 9.53
C MET A 68 14.19 -10.10 10.13
N ASN A 69 12.91 -9.77 10.32
CA ASN A 69 11.94 -10.72 10.87
C ASN A 69 10.54 -10.15 10.69
N LEU A 70 9.55 -11.04 10.67
CA LEU A 70 8.14 -10.68 10.50
C LEU A 70 7.38 -10.31 11.78
N LYS D 1 -9.91 11.10 -15.58
CA LYS D 1 -9.07 11.50 -14.46
C LYS D 1 -9.84 12.22 -13.34
N LEU D 2 -11.15 12.03 -13.25
CA LEU D 2 -11.95 12.76 -12.26
C LEU D 2 -12.66 11.80 -11.30
N CYS D 3 -12.75 12.24 -10.05
CA CYS D 3 -13.40 11.44 -9.01
C CYS D 3 -14.85 11.17 -9.38
N LEU D 4 -15.21 9.89 -9.39
CA LEU D 4 -16.54 9.50 -9.81
C LEU D 4 -17.61 9.92 -8.81
N VAL D 5 -17.23 10.37 -7.62
CA VAL D 5 -18.18 10.80 -6.62
C VAL D 5 -18.40 12.30 -6.66
N CYS D 6 -17.33 13.09 -6.61
CA CYS D 6 -17.45 14.54 -6.50
C CYS D 6 -16.94 15.30 -7.72
N SER D 7 -16.35 14.61 -8.70
CA SER D 7 -15.77 15.18 -9.91
C SER D 7 -14.54 16.03 -9.67
N ASP D 8 -14.00 16.02 -8.45
CA ASP D 8 -12.68 16.59 -8.22
C ASP D 8 -11.61 15.72 -8.88
N GLU D 9 -10.40 16.25 -8.98
CA GLU D 9 -9.30 15.51 -9.61
C GLU D 9 -9.06 14.20 -8.88
N ALA D 10 -9.17 13.09 -9.61
CA ALA D 10 -9.00 11.77 -9.02
C ALA D 10 -7.54 11.48 -8.75
N SER D 11 -7.29 10.60 -7.78
CA SER D 11 -5.94 10.27 -7.35
C SER D 11 -5.56 8.81 -7.58
N GLY D 12 -6.52 7.94 -7.83
CA GLY D 12 -6.24 6.53 -8.02
C GLY D 12 -7.51 5.72 -7.87
N CYS D 13 -7.35 4.41 -7.95
CA CYS D 13 -8.44 3.46 -7.77
C CYS D 13 -8.51 3.09 -6.30
N HIS D 14 -9.49 3.64 -5.59
CA HIS D 14 -9.59 3.49 -4.14
C HIS D 14 -10.87 2.74 -3.81
N TYR D 15 -10.72 1.65 -3.05
CA TYR D 15 -11.85 0.83 -2.64
C TYR D 15 -12.68 0.39 -3.84
N GLY D 16 -12.01 0.19 -4.97
CA GLY D 16 -12.62 -0.37 -6.15
C GLY D 16 -13.09 0.63 -7.19
N VAL D 17 -12.90 1.93 -6.97
CA VAL D 17 -13.48 2.97 -7.81
C VAL D 17 -12.49 4.12 -7.94
N LEU D 18 -12.45 4.75 -9.11
CA LEU D 18 -11.66 5.95 -9.33
C LEU D 18 -12.25 7.11 -8.52
N THR D 19 -11.53 7.59 -7.51
CA THR D 19 -12.02 8.64 -6.62
C THR D 19 -10.86 9.54 -6.21
N CYS D 20 -11.20 10.64 -5.53
CA CYS D 20 -10.21 11.54 -4.97
C CYS D 20 -9.80 11.10 -3.57
N GLY D 21 -8.74 11.71 -3.07
CA GLY D 21 -8.26 11.35 -1.75
C GLY D 21 -9.31 11.61 -0.68
N SER D 22 -9.95 12.77 -0.74
CA SER D 22 -10.94 13.15 0.27
C SER D 22 -12.11 12.16 0.29
N CYS D 23 -12.62 11.79 -0.87
CA CYS D 23 -13.70 10.80 -0.88
C CYS D 23 -13.24 9.44 -0.35
N LYS D 24 -12.00 9.05 -0.62
CA LYS D 24 -11.50 7.79 -0.10
C LYS D 24 -11.59 7.75 1.42
N VAL D 25 -11.07 8.79 2.07
CA VAL D 25 -11.06 8.81 3.53
C VAL D 25 -12.47 8.95 4.04
N PHE D 26 -13.32 9.75 3.36
CA PHE D 26 -14.69 9.88 3.77
C PHE D 26 -15.38 8.53 3.81
N PHE D 27 -15.22 7.75 2.72
CA PHE D 27 -15.99 6.50 2.60
C PHE D 27 -15.64 5.53 3.70
N LYS D 28 -14.38 5.49 4.12
CA LYS D 28 -14.01 4.49 5.11
C LYS D 28 -14.55 4.86 6.48
N ARG D 29 -14.47 6.15 6.84
CA ARG D 29 -15.07 6.56 8.11
C ARG D 29 -16.60 6.40 8.07
N ALA D 30 -17.23 6.57 6.92
CA ALA D 30 -18.69 6.39 6.84
C ALA D 30 -19.09 4.94 7.09
N VAL D 31 -18.36 3.99 6.49
CA VAL D 31 -18.72 2.58 6.63
C VAL D 31 -18.56 2.12 8.07
N GLU D 32 -17.55 2.61 8.78
CA GLU D 32 -17.14 2.06 10.06
C GLU D 32 -17.53 2.91 11.26
N GLY D 33 -17.82 4.19 11.07
CA GLY D 33 -18.21 5.03 12.17
C GLY D 33 -19.70 4.96 12.46
N GLN D 34 -20.04 5.28 13.71
CA GLN D 34 -21.43 5.47 14.09
C GLN D 34 -21.90 6.76 13.43
N HIS D 35 -22.84 6.64 12.49
CA HIS D 35 -23.17 7.77 11.63
C HIS D 35 -24.66 7.84 11.37
N ASN D 36 -25.27 8.92 11.87
CA ASN D 36 -26.67 9.22 11.61
C ASN D 36 -26.72 10.31 10.53
N TYR D 37 -26.62 9.90 9.27
CA TYR D 37 -26.64 10.86 8.17
C TYR D 37 -28.08 11.10 7.74
N LEU D 38 -28.43 12.37 7.59
CA LEU D 38 -29.76 12.72 7.11
C LEU D 38 -29.64 13.83 6.09
N CYS D 39 -30.23 13.61 4.91
CA CYS D 39 -30.29 14.65 3.88
C CYS D 39 -31.34 15.70 4.23
N ALA D 40 -31.01 16.97 3.99
CA ALA D 40 -31.89 18.10 4.26
C ALA D 40 -32.73 18.51 3.05
N GLY D 41 -32.54 17.83 1.91
CA GLY D 41 -33.30 18.13 0.72
C GLY D 41 -34.15 16.96 0.29
N ARG D 42 -33.75 16.29 -0.80
CA ARG D 42 -34.56 15.25 -1.41
C ARG D 42 -33.73 14.02 -1.79
N ASN D 43 -32.70 13.71 -1.01
CA ASN D 43 -31.80 12.59 -1.30
C ASN D 43 -31.28 12.65 -2.73
N ASP D 44 -31.09 13.85 -3.28
CA ASP D 44 -30.59 14.01 -4.64
C ASP D 44 -29.62 15.19 -4.72
N CYS D 45 -28.74 15.33 -3.75
CA CYS D 45 -27.93 16.53 -3.66
C CYS D 45 -26.84 16.54 -4.73
N ILE D 46 -26.44 17.75 -5.13
CA ILE D 46 -25.26 17.93 -5.98
C ILE D 46 -24.02 17.75 -5.13
N ILE D 47 -23.11 16.89 -5.56
CA ILE D 47 -21.89 16.59 -4.80
C ILE D 47 -20.70 16.96 -5.68
N ASP D 48 -20.01 18.04 -5.32
CA ASP D 48 -18.84 18.51 -6.07
C ASP D 48 -17.76 18.88 -5.07
N LYS D 49 -16.74 19.59 -5.55
CA LYS D 49 -15.58 19.87 -4.72
C LYS D 49 -15.95 20.66 -3.46
N ILE D 50 -16.91 21.58 -3.58
CA ILE D 50 -17.37 22.38 -2.44
C ILE D 50 -18.59 21.77 -1.77
N ARG D 51 -19.60 21.38 -2.54
CA ARG D 51 -20.86 20.94 -1.95
C ARG D 51 -20.78 19.58 -1.28
N ARG D 52 -19.72 18.80 -1.54
CA ARG D 52 -19.66 17.47 -0.94
C ARG D 52 -19.68 17.54 0.58
N LYS D 53 -19.23 18.65 1.16
CA LYS D 53 -19.23 18.74 2.61
C LYS D 53 -20.65 18.90 3.17
N ASN D 54 -21.62 19.34 2.36
CA ASN D 54 -22.93 19.70 2.88
C ASN D 54 -23.77 18.48 3.23
N CYS D 55 -23.71 17.44 2.41
CA CYS D 55 -24.64 16.31 2.59
C CYS D 55 -23.84 15.02 2.58
N PRO D 56 -23.35 14.61 3.74
CA PRO D 56 -22.74 13.29 3.85
C PRO D 56 -23.68 12.16 3.46
N ALA D 57 -24.98 12.28 3.69
CA ALA D 57 -25.89 11.22 3.25
C ALA D 57 -25.83 11.03 1.74
N CYS D 58 -25.93 12.11 0.99
CA CYS D 58 -25.87 11.95 -0.46
C CYS D 58 -24.47 11.58 -0.91
N ARG D 59 -23.43 12.06 -0.23
CA ARG D 59 -22.07 11.69 -0.59
C ARG D 59 -21.85 10.19 -0.41
N TYR D 60 -22.27 9.66 0.75
CA TYR D 60 -22.22 8.23 1.02
C TYR D 60 -22.99 7.45 -0.02
N ARG D 61 -24.27 7.78 -0.18
CA ARG D 61 -25.11 7.09 -1.17
C ARG D 61 -24.42 7.03 -2.53
N LYS D 62 -23.79 8.13 -2.95
CA LYS D 62 -23.11 8.13 -4.24
C LYS D 62 -21.89 7.20 -4.22
N CYS D 63 -21.14 7.20 -3.12
CA CYS D 63 -20.03 6.27 -2.98
C CYS D 63 -20.49 4.83 -3.21
N LEU D 64 -21.58 4.44 -2.56
CA LEU D 64 -22.06 3.07 -2.65
C LEU D 64 -22.59 2.77 -4.04
N GLN D 65 -23.35 3.71 -4.62
CA GLN D 65 -23.87 3.52 -5.97
C GLN D 65 -22.75 3.40 -7.00
N ALA D 66 -21.61 4.02 -6.74
CA ALA D 66 -20.49 3.93 -7.66
C ALA D 66 -19.74 2.60 -7.54
N GLY D 67 -20.03 1.81 -6.51
CA GLY D 67 -19.41 0.52 -6.34
C GLY D 67 -18.37 0.42 -5.24
N MET D 68 -18.15 1.48 -4.45
CA MET D 68 -17.07 1.42 -3.47
C MET D 68 -17.37 0.37 -2.42
N ASN D 69 -16.30 -0.30 -1.98
CA ASN D 69 -16.35 -1.45 -1.09
C ASN D 69 -14.98 -1.55 -0.44
N LEU D 70 -14.96 -1.63 0.91
CA LEU D 70 -13.69 -1.78 1.61
C LEU D 70 -13.00 -3.12 1.34
N GLU D 71 -13.74 -4.13 0.87
CA GLU D 71 -13.15 -5.43 0.55
C GLU D 71 -12.56 -5.50 -0.85
N ALA D 72 -12.81 -4.50 -1.70
CA ALA D 72 -12.41 -4.56 -3.10
C ALA D 72 -10.90 -4.36 -3.28
ZN ZN E . 19.20 -4.29 -0.70
ZN ZN F . 26.85 -17.67 -1.80
ZN ZN G . -28.58 15.32 0.25
ZN ZN H . -14.26 12.93 -4.62
#